data_3UJM
#
_entry.id   3UJM
#
_cell.length_a   39.200
_cell.length_b   80.380
_cell.length_c   39.200
_cell.angle_alpha   90.00
_cell.angle_beta   92.60
_cell.angle_gamma   90.00
#
_symmetry.space_group_name_H-M   'P 1 21 1'
#
loop_
_entity.id
_entity.type
_entity.pdbx_description
1 polymer Rasputin
2 non-polymer '4-(2-HYDROXYETHYL)-1-PIPERAZINE ETHANESULFONIC ACID'
3 water water
#
_entity_poly.entity_id   1
_entity_poly.type   'polypeptide(L)'
_entity_poly.pdbx_seq_one_letter_code
;GSHMSVGREFVRQYYTLLNKAPNHLHRFYNHNSSYIHGESKLVVGQREIHNRIQQLNFNDCHAKISQVDAQATLGNGVVV
QVTGELSNDGQPMRRFTQTFVLAAQSPKKYYVHNDIFRYQ
;
_entity_poly.pdbx_strand_id   A,B
#
# COMPACT_ATOMS: atom_id res chain seq x y z
N MET A 4 7.78 9.51 6.51
CA MET A 4 9.13 10.04 6.70
C MET A 4 10.03 9.61 5.54
N SER A 5 11.29 10.02 5.60
CA SER A 5 12.27 9.66 4.58
C SER A 5 12.75 8.23 4.78
N VAL A 6 12.51 7.69 5.97
CA VAL A 6 12.90 6.33 6.33
C VAL A 6 12.40 5.30 5.32
N GLY A 7 11.15 5.47 4.90
CA GLY A 7 10.55 4.59 3.91
C GLY A 7 11.32 4.56 2.61
N ARG A 8 11.71 5.74 2.14
CA ARG A 8 12.47 5.85 0.89
C ARG A 8 13.84 5.18 1.00
N GLU A 9 14.42 5.20 2.19
CA GLU A 9 15.72 4.56 2.42
C GLU A 9 15.56 3.04 2.49
N PHE A 10 14.50 2.59 3.15
CA PHE A 10 14.25 1.16 3.31
C PHE A 10 14.03 0.44 1.98
N VAL A 11 13.30 1.08 1.08
CA VAL A 11 13.02 0.51 -0.23
C VAL A 11 14.32 0.20 -0.95
N ARG A 12 15.25 1.14 -0.90
CA ARG A 12 16.56 0.96 -1.51
C ARG A 12 17.28 -0.22 -0.88
N GLN A 13 17.14 -0.35 0.44
CA GLN A 13 17.76 -1.45 1.18
C GLN A 13 17.08 -2.78 0.82
N TYR A 14 15.76 -2.73 0.66
CA TYR A 14 14.98 -3.94 0.40
C TYR A 14 15.34 -4.59 -0.93
N TYR A 15 15.49 -3.77 -1.97
CA TYR A 15 15.77 -4.28 -3.31
C TYR A 15 17.26 -4.49 -3.56
N THR A 16 18.10 -3.81 -2.79
CA THR A 16 19.53 -4.09 -2.80
C THR A 16 19.72 -5.51 -2.32
N LEU A 17 19.06 -5.84 -1.20
CA LEU A 17 19.16 -7.17 -0.62
C LEU A 17 18.40 -8.20 -1.43
N LEU A 18 17.34 -7.77 -2.11
CA LEU A 18 16.61 -8.68 -2.99
C LEU A 18 17.49 -9.08 -4.17
N ASN A 19 18.31 -8.14 -4.61
CA ASN A 19 19.23 -8.36 -5.72
C ASN A 19 20.48 -9.12 -5.26
N LYS A 20 21.12 -8.61 -4.22
CA LYS A 20 22.40 -9.16 -3.76
C LYS A 20 22.28 -10.51 -3.06
N ALA A 21 21.31 -10.63 -2.16
CA ALA A 21 21.15 -11.87 -1.40
C ALA A 21 19.71 -12.09 -0.96
N PRO A 22 18.89 -12.70 -1.83
CA PRO A 22 17.47 -12.95 -1.57
C PRO A 22 17.24 -13.86 -0.38
N ASN A 23 18.14 -14.82 -0.16
CA ASN A 23 17.99 -15.79 0.92
C ASN A 23 18.28 -15.21 2.30
N HIS A 24 18.48 -13.90 2.36
CA HIS A 24 18.70 -13.21 3.63
C HIS A 24 17.70 -12.07 3.78
N LEU A 25 16.78 -11.98 2.83
CA LEU A 25 15.76 -10.95 2.83
C LEU A 25 14.78 -11.14 3.98
N HIS A 26 14.64 -12.37 4.43
CA HIS A 26 13.69 -12.73 5.48
C HIS A 26 14.03 -12.09 6.82
N ARG A 27 15.26 -11.58 6.95
CA ARG A 27 15.71 -10.99 8.19
C ARG A 27 15.21 -9.57 8.39
N PHE A 28 14.40 -9.09 7.45
CA PHE A 28 13.73 -7.81 7.59
C PHE A 28 12.42 -8.00 8.36
N TYR A 29 12.03 -9.25 8.55
CA TYR A 29 10.75 -9.59 9.15
C TYR A 29 10.90 -10.12 10.57
N ASN A 30 9.78 -10.19 11.29
CA ASN A 30 9.75 -10.79 12.61
C ASN A 30 8.68 -11.89 12.69
N HIS A 31 8.42 -12.38 13.89
CA HIS A 31 7.54 -13.53 14.07
C HIS A 31 6.08 -13.25 13.72
N ASN A 32 5.68 -11.98 13.65
CA ASN A 32 4.29 -11.64 13.36
C ASN A 32 4.08 -10.82 12.09
N SER A 33 4.91 -11.06 11.09
CA SER A 33 4.86 -10.28 9.85
C SER A 33 4.01 -10.98 8.79
N SER A 34 3.12 -10.22 8.15
CA SER A 34 2.26 -10.74 7.11
C SER A 34 2.89 -10.56 5.73
N TYR A 35 2.75 -11.57 4.87
CA TYR A 35 3.42 -11.57 3.57
C TYR A 35 2.50 -12.05 2.45
N ILE A 36 2.40 -11.24 1.40
CA ILE A 36 1.67 -11.62 0.19
C ILE A 36 2.48 -11.26 -1.05
N HIS A 37 2.69 -12.25 -1.91
CA HIS A 37 3.47 -12.05 -3.14
C HIS A 37 2.76 -12.70 -4.33
N GLY A 38 2.54 -11.91 -5.37
CA GLY A 38 1.88 -12.42 -6.57
C GLY A 38 0.38 -12.53 -6.39
N GLU A 39 -0.06 -13.67 -5.88
CA GLU A 39 -1.48 -13.89 -5.57
C GLU A 39 -1.60 -15.14 -4.69
N SER A 40 -0.48 -15.55 -4.12
CA SER A 40 -0.42 -16.73 -3.26
C SER A 40 -1.17 -16.49 -1.95
N LYS A 41 -1.25 -17.52 -1.13
CA LYS A 41 -1.90 -17.41 0.18
C LYS A 41 -1.09 -16.53 1.11
N LEU A 42 -1.76 -15.97 2.11
CA LEU A 42 -1.12 -15.13 3.10
C LEU A 42 -0.11 -15.94 3.91
N VAL A 43 1.00 -15.31 4.28
CA VAL A 43 2.04 -15.99 5.04
C VAL A 43 2.49 -15.14 6.23
N VAL A 44 2.55 -15.76 7.42
CA VAL A 44 2.88 -15.05 8.64
C VAL A 44 4.11 -15.64 9.33
N GLY A 45 5.01 -14.77 9.80
CA GLY A 45 6.17 -15.20 10.57
C GLY A 45 7.49 -15.00 9.86
N GLN A 46 8.59 -14.96 10.60
CA GLN A 46 9.91 -14.85 10.00
C GLN A 46 10.23 -16.13 9.23
N ARG A 47 9.81 -17.26 9.78
CA ARG A 47 9.83 -18.52 9.05
C ARG A 47 8.66 -18.46 8.07
N GLU A 48 8.53 -19.48 7.21
CA GLU A 48 7.49 -19.50 6.18
C GLU A 48 7.70 -18.41 5.11
N ILE A 49 7.83 -17.16 5.56
CA ILE A 49 8.20 -16.07 4.66
C ILE A 49 9.55 -16.38 4.02
N HIS A 50 10.46 -16.87 4.85
CA HIS A 50 11.76 -17.34 4.38
C HIS A 50 11.59 -18.46 3.38
N ASN A 51 10.56 -19.29 3.58
CA ASN A 51 10.29 -20.41 2.69
C ASN A 51 9.56 -20.00 1.42
N ARG A 52 8.75 -18.94 1.52
CA ARG A 52 8.06 -18.42 0.35
C ARG A 52 9.05 -17.78 -0.61
N ILE A 53 9.89 -16.89 -0.09
CA ILE A 53 10.94 -16.25 -0.87
C ILE A 53 11.85 -17.30 -1.49
N GLN A 54 12.12 -18.35 -0.72
CA GLN A 54 12.96 -19.45 -1.15
C GLN A 54 12.42 -20.10 -2.42
N GLN A 55 11.13 -20.46 -2.39
CA GLN A 55 10.51 -21.13 -3.53
C GLN A 55 10.15 -20.15 -4.65
N LEU A 56 10.23 -18.86 -4.37
CA LEU A 56 10.07 -17.85 -5.40
C LEU A 56 11.34 -17.77 -6.24
N ASN A 57 12.45 -18.15 -5.63
CA ASN A 57 13.76 -18.24 -6.30
C ASN A 57 14.16 -16.98 -7.06
N PHE A 58 14.58 -15.96 -6.32
CA PHE A 58 15.10 -14.75 -6.94
C PHE A 58 16.56 -14.93 -7.32
N ASN A 59 16.88 -14.68 -8.58
CA ASN A 59 18.24 -14.82 -9.06
C ASN A 59 18.61 -13.65 -9.99
N ASP A 60 19.55 -12.82 -9.54
CA ASP A 60 19.91 -11.61 -10.26
C ASP A 60 18.66 -10.78 -10.54
N CYS A 61 18.00 -10.34 -9.47
CA CYS A 61 16.72 -9.65 -9.59
C CYS A 61 16.89 -8.13 -9.57
N HIS A 62 16.77 -7.53 -10.75
CA HIS A 62 16.91 -6.08 -10.88
C HIS A 62 15.58 -5.38 -10.68
N ALA A 63 15.62 -4.21 -10.07
CA ALA A 63 14.41 -3.45 -9.79
C ALA A 63 14.54 -1.99 -10.18
N LYS A 64 13.64 -1.52 -11.04
CA LYS A 64 13.60 -0.12 -11.42
C LYS A 64 12.44 0.57 -10.70
N ILE A 65 12.75 1.28 -9.62
CA ILE A 65 11.72 1.94 -8.81
C ILE A 65 11.21 3.22 -9.48
N SER A 66 9.89 3.31 -9.63
CA SER A 66 9.27 4.44 -10.29
C SER A 66 8.71 5.48 -9.31
N GLN A 67 8.03 5.00 -8.27
CA GLN A 67 7.38 5.91 -7.31
C GLN A 67 7.48 5.37 -5.89
N VAL A 68 7.76 6.26 -4.94
CA VAL A 68 7.76 5.91 -3.53
C VAL A 68 7.04 6.96 -2.69
N ASP A 69 6.12 6.53 -1.85
CA ASP A 69 5.41 7.42 -0.95
C ASP A 69 5.36 6.81 0.44
N ALA A 70 5.75 7.59 1.44
CA ALA A 70 5.77 7.11 2.82
C ALA A 70 4.92 8.00 3.72
N GLN A 71 4.20 7.39 4.65
CA GLN A 71 3.38 8.10 5.61
C GLN A 71 3.50 7.48 6.99
N ALA A 72 3.36 8.31 8.02
CA ALA A 72 3.27 7.81 9.39
C ALA A 72 1.94 7.10 9.58
N THR A 73 1.95 5.97 10.27
CA THR A 73 0.73 5.20 10.49
C THR A 73 0.61 4.73 11.94
N LEU A 74 -0.36 3.87 12.19
CA LEU A 74 -0.68 3.38 13.54
C LEU A 74 0.53 2.78 14.25
N GLY A 75 0.57 2.96 15.57
CA GLY A 75 1.66 2.44 16.38
C GLY A 75 3.00 3.03 16.02
N ASN A 76 2.99 4.29 15.61
CA ASN A 76 4.21 5.00 15.20
C ASN A 76 4.97 4.28 14.10
N GLY A 77 4.24 3.63 13.21
CA GLY A 77 4.84 2.92 12.10
C GLY A 77 4.93 3.78 10.86
N VAL A 78 5.39 3.19 9.76
CA VAL A 78 5.46 3.90 8.49
C VAL A 78 4.86 3.06 7.39
N VAL A 79 3.87 3.63 6.69
CA VAL A 79 3.27 2.94 5.55
C VAL A 79 3.89 3.43 4.25
N VAL A 80 4.40 2.50 3.45
CA VAL A 80 5.10 2.85 2.22
C VAL A 80 4.44 2.18 1.02
N GLN A 81 4.24 2.96 -0.05
CA GLN A 81 3.76 2.40 -1.31
C GLN A 81 4.83 2.53 -2.38
N VAL A 82 5.22 1.38 -2.95
CA VAL A 82 6.29 1.35 -3.92
C VAL A 82 5.79 0.91 -5.29
N THR A 83 6.05 1.72 -6.30
CA THR A 83 5.68 1.41 -7.67
C THR A 83 6.93 1.40 -8.55
N GLY A 84 7.04 0.38 -9.41
CA GLY A 84 8.18 0.28 -10.31
C GLY A 84 8.12 -0.94 -11.19
N GLU A 85 9.28 -1.42 -11.60
CA GLU A 85 9.38 -2.61 -12.45
C GLU A 85 10.38 -3.60 -11.87
N LEU A 86 10.09 -4.89 -12.03
CA LEU A 86 10.95 -5.94 -11.50
C LEU A 86 11.35 -6.91 -12.60
N SER A 87 12.56 -7.46 -12.48
CA SER A 87 13.05 -8.44 -13.45
C SER A 87 13.75 -9.59 -12.73
N ASN A 88 13.34 -10.82 -13.04
CA ASN A 88 13.96 -12.00 -12.44
C ASN A 88 14.55 -12.91 -13.51
N ASP A 89 15.83 -13.25 -13.34
CA ASP A 89 16.57 -14.09 -14.30
C ASP A 89 16.63 -13.48 -15.70
N GLY A 90 16.62 -12.16 -15.77
CA GLY A 90 16.75 -11.47 -17.04
C GLY A 90 15.47 -11.40 -17.85
N GLN A 91 14.37 -11.84 -17.25
CA GLN A 91 13.06 -11.75 -17.90
C GLN A 91 12.62 -10.28 -17.95
N PRO A 92 11.76 -9.93 -18.93
N PRO A 92 11.76 -9.92 -18.92
CA PRO A 92 11.30 -8.55 -19.11
CA PRO A 92 11.33 -8.54 -19.11
C PRO A 92 10.75 -7.90 -17.84
C PRO A 92 10.74 -7.90 -17.85
N MET A 93 10.97 -6.60 -17.71
CA MET A 93 10.52 -5.85 -16.54
C MET A 93 9.00 -5.76 -16.43
N ARG A 94 8.45 -6.38 -15.40
CA ARG A 94 7.01 -6.30 -15.14
C ARG A 94 6.71 -5.17 -14.16
N ARG A 95 5.69 -4.38 -14.47
CA ARG A 95 5.21 -3.36 -13.55
C ARG A 95 4.70 -4.05 -12.29
N PHE A 96 5.10 -3.53 -11.14
CA PHE A 96 4.64 -4.09 -9.88
C PHE A 96 4.16 -3.01 -8.92
N THR A 97 3.49 -3.43 -7.86
CA THR A 97 3.13 -2.53 -6.78
C THR A 97 3.33 -3.23 -5.44
N GLN A 98 3.97 -2.54 -4.51
CA GLN A 98 4.23 -3.11 -3.20
C GLN A 98 3.82 -2.14 -2.09
N THR A 99 3.13 -2.67 -1.08
CA THR A 99 2.77 -1.89 0.08
C THR A 99 3.53 -2.40 1.29
N PHE A 100 4.18 -1.48 2.00
CA PHE A 100 4.95 -1.83 3.19
C PHE A 100 4.37 -1.18 4.43
N VAL A 101 4.36 -1.92 5.53
CA VAL A 101 4.11 -1.34 6.84
C VAL A 101 5.32 -1.64 7.73
N LEU A 102 6.08 -0.60 8.04
CA LEU A 102 7.28 -0.74 8.85
C LEU A 102 6.97 -0.49 10.32
N ALA A 103 7.23 -1.48 11.16
CA ALA A 103 6.99 -1.35 12.59
C ALA A 103 8.22 -0.83 13.31
N ALA A 104 8.10 0.36 13.90
CA ALA A 104 9.21 0.99 14.61
C ALA A 104 9.53 0.24 15.89
N GLN A 105 10.22 -0.89 15.76
CA GLN A 105 10.61 -1.70 16.92
C GLN A 105 11.69 -0.97 17.71
N SER A 106 11.26 0.05 18.47
CA SER A 106 12.17 0.91 19.22
C SER A 106 13.15 1.64 18.25
N PRO A 107 14.30 2.17 18.73
CA PRO A 107 14.81 3.46 18.21
C PRO A 107 14.60 3.74 16.72
N LYS A 108 15.66 3.58 15.93
CA LYS A 108 15.53 3.58 14.48
C LYS A 108 15.85 2.18 13.99
N LYS A 109 15.15 1.22 14.58
CA LYS A 109 15.28 -0.19 14.25
C LYS A 109 13.90 -0.70 13.85
N TYR A 110 13.68 -0.82 12.54
CA TYR A 110 12.36 -1.19 12.02
C TYR A 110 12.27 -2.67 11.64
N TYR A 111 11.03 -3.17 11.61
CA TYR A 111 10.74 -4.49 11.08
C TYR A 111 9.60 -4.36 10.08
N VAL A 112 9.64 -5.16 9.03
CA VAL A 112 8.54 -5.18 8.06
C VAL A 112 7.36 -5.92 8.66
N HIS A 113 6.33 -5.18 9.05
CA HIS A 113 5.14 -5.79 9.65
C HIS A 113 4.19 -6.28 8.57
N ASN A 114 4.16 -5.57 7.44
CA ASN A 114 3.31 -5.97 6.32
C ASN A 114 4.01 -5.86 4.98
N ASP A 115 3.90 -6.91 4.17
CA ASP A 115 4.48 -6.91 2.83
C ASP A 115 3.47 -7.46 1.82
N ILE A 116 2.97 -6.59 0.95
CA ILE A 116 2.05 -7.01 -0.09
C ILE A 116 2.64 -6.68 -1.46
N PHE A 117 3.13 -7.70 -2.15
CA PHE A 117 3.67 -7.52 -3.50
C PHE A 117 2.65 -8.02 -4.52
N ARG A 118 2.47 -7.25 -5.58
CA ARG A 118 1.48 -7.57 -6.60
C ARG A 118 1.93 -7.10 -7.97
N TYR A 119 1.97 -8.01 -8.94
CA TYR A 119 2.24 -7.63 -10.32
C TYR A 119 1.01 -6.98 -10.92
N GLN A 120 1.23 -6.10 -11.90
CA GLN A 120 0.12 -5.46 -12.59
C GLN A 120 -0.01 -5.97 -14.01
N MET B 4 -8.35 -8.98 6.68
CA MET B 4 -9.73 -9.42 6.82
C MET B 4 -10.54 -9.06 5.58
N SER B 5 -11.77 -9.57 5.50
CA SER B 5 -12.65 -9.29 4.38
C SER B 5 -13.19 -7.87 4.45
N VAL B 6 -13.08 -7.26 5.63
CA VAL B 6 -13.52 -5.89 5.86
C VAL B 6 -12.94 -4.92 4.83
N GLY B 7 -11.67 -5.12 4.50
CA GLY B 7 -11.00 -4.29 3.51
C GLY B 7 -11.68 -4.32 2.15
N ARG B 8 -12.01 -5.53 1.68
CA ARG B 8 -12.68 -5.69 0.39
C ARG B 8 -14.02 -4.96 0.37
N GLU B 9 -14.71 -4.95 1.52
CA GLU B 9 -15.99 -4.28 1.63
C GLU B 9 -15.81 -2.77 1.54
N PHE B 10 -14.80 -2.26 2.21
CA PHE B 10 -14.53 -0.83 2.25
C PHE B 10 -14.19 -0.25 0.87
N VAL B 11 -13.40 -0.99 0.10
CA VAL B 11 -13.02 -0.56 -1.24
C VAL B 11 -14.25 -0.32 -2.09
N ARG B 12 -15.23 -1.20 -1.95
CA ARG B 12 -16.50 -1.04 -2.65
C ARG B 12 -17.21 0.22 -2.16
N GLN B 13 -17.22 0.43 -0.85
CA GLN B 13 -17.87 1.60 -0.26
C GLN B 13 -17.19 2.89 -0.70
N TYR B 14 -15.85 2.88 -0.69
CA TYR B 14 -15.06 4.06 -1.01
C TYR B 14 -15.31 4.55 -2.44
N TYR B 15 -15.36 3.61 -3.38
CA TYR B 15 -15.51 3.97 -4.79
C TYR B 15 -16.96 4.14 -5.22
N THR B 16 -17.87 3.55 -4.47
CA THR B 16 -19.29 3.83 -4.65
C THR B 16 -19.52 5.29 -4.29
N LEU B 17 -19.03 5.67 -3.12
CA LEU B 17 -19.20 7.03 -2.62
C LEU B 17 -18.41 8.05 -3.44
N LEU B 18 -17.30 7.61 -4.03
CA LEU B 18 -16.50 8.47 -4.89
C LEU B 18 -17.26 8.77 -6.17
N ASN B 19 -18.14 7.85 -6.55
CA ASN B 19 -18.94 7.99 -7.76
C ASN B 19 -20.23 8.76 -7.48
N LYS B 20 -20.89 8.45 -6.37
CA LYS B 20 -22.19 9.03 -6.06
C LYS B 20 -22.09 10.40 -5.40
N ALA B 21 -21.23 10.52 -4.40
CA ALA B 21 -21.08 11.78 -3.68
C ALA B 21 -19.64 12.02 -3.22
N PRO B 22 -18.78 12.51 -4.12
CA PRO B 22 -17.37 12.78 -3.83
C PRO B 22 -17.18 13.77 -2.68
N ASN B 23 -18.04 14.78 -2.62
CA ASN B 23 -17.93 15.83 -1.60
C ASN B 23 -18.32 15.36 -0.20
N HIS B 24 -18.62 14.07 -0.08
CA HIS B 24 -18.94 13.47 1.21
C HIS B 24 -17.95 12.36 1.55
N LEU B 25 -16.94 12.22 0.70
CA LEU B 25 -15.94 11.17 0.87
C LEU B 25 -15.07 11.43 2.10
N HIS B 26 -14.98 12.69 2.51
CA HIS B 26 -14.13 13.09 3.63
C HIS B 26 -14.59 12.51 4.96
N ARG B 27 -15.83 12.04 5.01
CA ARG B 27 -16.39 11.48 6.22
C ARG B 27 -15.83 10.10 6.54
N PHE B 28 -14.94 9.61 5.66
CA PHE B 28 -14.24 8.35 5.88
C PHE B 28 -12.98 8.59 6.72
N TYR B 29 -12.56 9.85 6.78
CA TYR B 29 -11.33 10.21 7.48
C TYR B 29 -11.65 10.91 8.80
N ASN B 30 -10.60 11.25 9.55
CA ASN B 30 -10.78 12.01 10.79
C ASN B 30 -9.67 13.04 11.01
N HIS B 31 -9.54 13.52 12.23
CA HIS B 31 -8.63 14.63 12.54
C HIS B 31 -7.15 14.27 12.37
N ASN B 32 -6.84 12.98 12.34
CA ASN B 32 -5.45 12.54 12.21
C ASN B 32 -5.19 11.60 11.04
N SER B 33 -5.88 11.84 9.92
CA SER B 33 -5.71 11.01 8.74
C SER B 33 -4.74 11.63 7.76
N SER B 34 -3.94 10.78 7.10
CA SER B 34 -2.97 11.24 6.12
C SER B 34 -3.45 10.94 4.70
N TYR B 35 -3.32 11.91 3.82
CA TYR B 35 -3.86 11.80 2.47
C TYR B 35 -2.86 12.24 1.40
N ILE B 36 -2.63 11.37 0.42
CA ILE B 36 -1.80 11.70 -0.74
C ILE B 36 -2.47 11.23 -2.02
N HIS B 37 -2.69 12.16 -2.93
CA HIS B 37 -3.34 11.86 -4.21
C HIS B 37 -2.55 12.47 -5.36
N GLY B 38 -2.22 11.64 -6.34
CA GLY B 38 -1.47 12.11 -7.51
C GLY B 38 0.02 12.21 -7.25
N GLU B 39 0.46 13.39 -6.84
CA GLU B 39 1.87 13.62 -6.51
C GLU B 39 1.99 14.88 -5.68
N SER B 40 0.86 15.33 -5.14
CA SER B 40 0.81 16.54 -4.33
C SER B 40 1.48 16.34 -2.97
N LYS B 41 1.43 17.38 -2.15
CA LYS B 41 1.98 17.31 -0.81
C LYS B 41 1.12 16.45 0.12
N LEU B 42 1.70 16.01 1.23
CA LEU B 42 0.98 15.19 2.19
C LEU B 42 -0.08 16.04 2.88
N VAL B 43 -1.32 15.58 2.83
CA VAL B 43 -2.43 16.28 3.47
C VAL B 43 -2.88 15.55 4.74
N VAL B 44 -3.00 16.29 5.84
CA VAL B 44 -3.41 15.73 7.12
C VAL B 44 -4.65 16.43 7.66
N GLY B 45 -5.63 15.65 8.08
CA GLY B 45 -6.83 16.20 8.70
C GLY B 45 -8.05 16.15 7.81
N GLN B 46 -9.19 15.78 8.40
CA GLN B 46 -10.45 15.64 7.68
C GLN B 46 -10.85 16.91 6.93
N ARG B 47 -10.61 18.06 7.55
CA ARG B 47 -10.94 19.34 6.93
C ARG B 47 -10.04 19.63 5.74
N GLU B 48 -8.77 19.26 5.85
CA GLU B 48 -7.81 19.46 4.77
C GLU B 48 -8.03 18.47 3.63
N ILE B 49 -8.40 17.25 3.99
CA ILE B 49 -8.72 16.22 2.99
C ILE B 49 -9.97 16.61 2.21
N HIS B 50 -10.90 17.27 2.89
CA HIS B 50 -12.15 17.72 2.27
C HIS B 50 -11.92 18.62 1.07
N ASN B 51 -11.31 19.78 1.30
CA ASN B 51 -11.09 20.74 0.22
C ASN B 51 -9.99 20.33 -0.75
N ARG B 52 -9.27 19.26 -0.40
CA ARG B 52 -8.29 18.68 -1.31
C ARG B 52 -9.01 17.86 -2.36
N ILE B 53 -10.01 17.10 -1.93
CA ILE B 53 -10.86 16.35 -2.84
C ILE B 53 -11.70 17.32 -3.66
N GLN B 54 -12.10 18.41 -3.01
CA GLN B 54 -12.95 19.43 -3.64
C GLN B 54 -12.27 20.05 -4.86
N GLN B 55 -10.96 20.30 -4.75
CA GLN B 55 -10.22 20.92 -5.84
C GLN B 55 -9.81 19.88 -6.88
N LEU B 56 -9.87 18.60 -6.50
CA LEU B 56 -9.62 17.52 -7.45
C LEU B 56 -10.82 17.37 -8.39
N ASN B 57 -11.98 17.80 -7.92
CA ASN B 57 -13.21 17.79 -8.70
C ASN B 57 -13.56 16.46 -9.37
N PHE B 58 -14.04 15.52 -8.57
CA PHE B 58 -14.52 14.25 -9.11
C PHE B 58 -15.93 14.41 -9.65
N ASN B 59 -16.12 14.17 -10.94
CA ASN B 59 -17.43 14.26 -11.56
C ASN B 59 -17.73 13.03 -12.39
N ASP B 60 -18.71 12.25 -11.94
CA ASP B 60 -19.05 10.96 -12.56
C ASP B 60 -17.80 10.10 -12.67
N CYS B 61 -17.26 9.69 -11.52
CA CYS B 61 -15.99 8.97 -11.46
C CYS B 61 -16.20 7.46 -11.41
N HIS B 62 -15.83 6.78 -12.48
CA HIS B 62 -15.98 5.33 -12.56
C HIS B 62 -14.68 4.61 -12.20
N ALA B 63 -14.80 3.50 -11.50
CA ALA B 63 -13.64 2.72 -11.09
C ALA B 63 -13.78 1.25 -11.44
N LYS B 64 -12.71 0.67 -11.96
CA LYS B 64 -12.67 -0.74 -12.30
C LYS B 64 -11.54 -1.41 -11.52
N ILE B 65 -11.91 -2.08 -10.43
CA ILE B 65 -10.91 -2.67 -9.54
C ILE B 65 -10.38 -4.01 -10.04
N SER B 66 -9.06 -4.12 -10.13
CA SER B 66 -8.44 -5.34 -10.63
C SER B 66 -8.05 -6.31 -9.51
N GLN B 67 -7.38 -5.80 -8.50
CA GLN B 67 -6.90 -6.63 -7.39
C GLN B 67 -7.05 -5.94 -6.05
N VAL B 68 -7.48 -6.71 -5.04
CA VAL B 68 -7.55 -6.19 -3.67
C VAL B 68 -6.92 -7.19 -2.72
N ASP B 69 -6.09 -6.68 -1.81
CA ASP B 69 -5.46 -7.51 -0.80
C ASP B 69 -5.46 -6.78 0.54
N ALA B 70 -5.92 -7.46 1.58
CA ALA B 70 -5.98 -6.86 2.91
C ALA B 70 -5.17 -7.67 3.91
N GLN B 71 -4.61 -6.99 4.89
CA GLN B 71 -3.84 -7.63 5.95
C GLN B 71 -4.09 -6.91 7.27
N ALA B 72 -4.14 -7.67 8.36
CA ALA B 72 -4.17 -7.08 9.69
C ALA B 72 -2.83 -6.40 9.96
N THR B 73 -2.87 -5.20 10.54
CA THR B 73 -1.65 -4.45 10.77
C THR B 73 -1.60 -3.86 12.18
N LEU B 74 -0.65 -2.95 12.39
CA LEU B 74 -0.41 -2.34 13.70
C LEU B 74 -1.66 -1.70 14.30
N GLY B 75 -1.78 -1.80 15.62
CA GLY B 75 -2.89 -1.20 16.34
C GLY B 75 -4.24 -1.75 15.92
N ASN B 76 -4.29 -3.05 15.63
CA ASN B 76 -5.51 -3.71 15.20
C ASN B 76 -6.15 -3.04 13.99
N GLY B 77 -5.31 -2.62 13.05
CA GLY B 77 -5.78 -1.99 11.84
C GLY B 77 -5.79 -2.94 10.67
N VAL B 78 -6.17 -2.44 9.50
CA VAL B 78 -6.17 -3.25 8.28
C VAL B 78 -5.45 -2.48 7.17
N VAL B 79 -4.39 -3.08 6.63
CA VAL B 79 -3.70 -2.47 5.50
C VAL B 79 -4.22 -3.06 4.20
N VAL B 80 -4.67 -2.19 3.31
CA VAL B 80 -5.29 -2.62 2.06
C VAL B 80 -4.55 -2.04 0.86
N GLN B 81 -4.33 -2.87 -0.16
CA GLN B 81 -3.77 -2.39 -1.41
C GLN B 81 -4.74 -2.61 -2.57
N VAL B 82 -5.10 -1.52 -3.25
CA VAL B 82 -6.07 -1.58 -4.33
C VAL B 82 -5.43 -1.27 -5.67
N THR B 83 -5.59 -2.16 -6.63
CA THR B 83 -5.10 -1.95 -7.98
C THR B 83 -6.28 -1.97 -8.95
N GLY B 84 -6.33 -0.99 -9.85
CA GLY B 84 -7.40 -0.92 -10.83
C GLY B 84 -7.28 0.23 -11.80
N GLU B 85 -8.40 0.65 -12.36
CA GLU B 85 -8.43 1.75 -13.32
C GLU B 85 -9.47 2.79 -12.91
N LEU B 86 -9.13 4.06 -13.04
CA LEU B 86 -10.04 5.14 -12.67
C LEU B 86 -10.36 6.02 -13.87
N SER B 87 -11.55 6.61 -13.86
CA SER B 87 -11.97 7.50 -14.94
C SER B 87 -12.76 8.67 -14.37
N ASN B 88 -12.27 9.88 -14.62
CA ASN B 88 -12.94 11.09 -14.14
C ASN B 88 -13.41 11.97 -15.28
N ASP B 89 -14.70 12.28 -15.30
CA ASP B 89 -15.33 13.07 -16.35
C ASP B 89 -15.20 12.44 -17.74
N GLY B 90 -15.39 11.12 -17.81
CA GLY B 90 -15.42 10.42 -19.07
C GLY B 90 -14.09 10.35 -19.81
N GLN B 91 -13.01 10.58 -19.08
CA GLN B 91 -11.67 10.48 -19.66
C GLN B 91 -11.21 9.03 -19.62
N PRO B 92 -10.26 8.66 -20.51
CA PRO B 92 -9.77 7.27 -20.60
C PRO B 92 -9.32 6.68 -19.26
N MET B 93 -9.55 5.39 -19.09
CA MET B 93 -9.22 4.71 -17.84
C MET B 93 -7.72 4.64 -17.60
N ARG B 94 -7.26 5.36 -16.58
CA ARG B 94 -5.85 5.32 -16.17
C ARG B 94 -5.65 4.27 -15.10
N ARG B 95 -4.61 3.46 -15.23
CA ARG B 95 -4.25 2.50 -14.20
C ARG B 95 -3.89 3.26 -12.93
N PHE B 96 -4.38 2.80 -11.80
CA PHE B 96 -4.03 3.41 -10.53
C PHE B 96 -3.63 2.37 -9.48
N THR B 97 -3.05 2.84 -8.39
CA THR B 97 -2.71 2.00 -7.26
C THR B 97 -2.96 2.77 -5.97
N GLN B 98 -3.61 2.13 -5.01
CA GLN B 98 -3.95 2.79 -3.76
C GLN B 98 -3.64 1.93 -2.54
N THR B 99 -3.07 2.56 -1.53
CA THR B 99 -2.79 1.91 -0.25
C THR B 99 -3.68 2.51 0.82
N PHE B 100 -4.41 1.64 1.53
CA PHE B 100 -5.27 2.08 2.62
C PHE B 100 -4.82 1.49 3.94
N VAL B 101 -4.86 2.30 4.99
CA VAL B 101 -4.75 1.80 6.35
C VAL B 101 -6.01 2.17 7.12
N LEU B 102 -6.81 1.16 7.44
CA LEU B 102 -8.06 1.38 8.15
C LEU B 102 -7.85 1.21 9.65
N ALA B 103 -8.31 2.19 10.42
CA ALA B 103 -8.16 2.16 11.87
C ALA B 103 -9.50 1.86 12.55
N ALA B 104 -9.55 0.75 13.28
CA ALA B 104 -10.76 0.38 14.00
C ALA B 104 -11.01 1.32 15.16
N GLN B 105 -12.09 2.09 15.07
CA GLN B 105 -12.48 3.00 16.15
C GLN B 105 -12.68 2.23 17.44
N SER B 106 -13.66 1.34 17.45
CA SER B 106 -13.88 0.44 18.58
C SER B 106 -14.67 -0.81 18.17
N PRO B 107 -15.83 -0.66 17.51
CA PRO B 107 -16.49 -1.87 17.05
C PRO B 107 -16.10 -2.16 15.61
N LYS B 108 -17.09 -2.49 14.78
CA LYS B 108 -16.87 -2.59 13.34
C LYS B 108 -17.11 -1.23 12.72
N LYS B 109 -16.47 -0.22 13.29
CA LYS B 109 -16.53 1.16 12.83
C LYS B 109 -15.10 1.58 12.50
N TYR B 110 -14.82 1.82 11.23
CA TYR B 110 -13.47 2.09 10.79
C TYR B 110 -13.26 3.51 10.29
N TYR B 111 -12.06 4.04 10.50
CA TYR B 111 -11.65 5.31 9.92
C TYR B 111 -10.46 5.07 9.00
N VAL B 112 -10.40 5.83 7.90
CA VAL B 112 -9.24 5.74 7.02
C VAL B 112 -8.08 6.53 7.62
N HIS B 113 -7.11 5.82 8.18
CA HIS B 113 -5.97 6.48 8.79
C HIS B 113 -4.95 6.88 7.72
N ASN B 114 -4.87 6.09 6.65
CA ASN B 114 -3.95 6.39 5.56
C ASN B 114 -4.57 6.20 4.18
N ASP B 115 -4.28 7.12 3.29
CA ASP B 115 -4.75 7.04 1.91
C ASP B 115 -3.67 7.53 0.95
N ILE B 116 -3.07 6.61 0.21
CA ILE B 116 -2.07 6.96 -0.79
C ILE B 116 -2.55 6.55 -2.18
N PHE B 117 -2.97 7.53 -2.97
CA PHE B 117 -3.40 7.29 -4.33
C PHE B 117 -2.30 7.70 -5.32
N ARG B 118 -2.09 6.88 -6.34
CA ARG B 118 -1.01 7.10 -7.29
C ARG B 118 -1.33 6.51 -8.65
N TYR B 119 -1.21 7.31 -9.71
CA TYR B 119 -1.37 6.81 -11.06
C TYR B 119 -0.06 6.18 -11.53
N GLN B 120 -0.15 5.28 -12.50
CA GLN B 120 1.04 4.71 -13.11
C GLN B 120 1.46 5.50 -14.35
#